data_4AVK
#
_entry.id   4AVK
#
_cell.length_a   90.460
_cell.length_b   90.460
_cell.length_c   79.540
_cell.angle_alpha   90.00
_cell.angle_beta   90.00
_cell.angle_gamma   120.00
#
_symmetry.space_group_name_H-M   'P 31 2 1'
#
loop_
_entity.id
_entity.type
_entity.pdbx_description
1 polymer FIMH
2 non-polymer '3-(pyridin-3-yl)prop-2-yn-1-yl alpha-D-mannopyranoside'
3 non-polymer 'NICKEL (II) ION'
4 non-polymer 'SULFATE ION'
5 water water
#
_entity_poly.entity_id   1
_entity_poly.type   'polypeptide(L)'
_entity_poly.pdbx_seq_one_letter_code
;FACKTANGTAIPIGGGSANVYVNLAPVVNVGQNLVVDLSTQIFCHNDYPETITDYVTLQRGSAYGGVLSNFSGTVKYSGS
SYPFPTTSETPRVVYNSRTDKPWPVALYLTPVSSAGGVAIKAGSLIAVLILRQTNNYNSDDFQFVWNIYANNDVVVPT
;
_entity_poly.pdbx_strand_id   A,B
#
loop_
_chem_comp.id
_chem_comp.type
_chem_comp.name
_chem_comp.formula
FVQ D-saccharide '3-(pyridin-3-yl)prop-2-yn-1-yl alpha-D-mannopyranoside' 'C14 H17 N O6'
NI non-polymer 'NICKEL (II) ION' 'Ni 2'
SO4 non-polymer 'SULFATE ION' 'O4 S -2'
#
# COMPACT_ATOMS: atom_id res chain seq x y z
N PHE A 1 -2.51 -22.43 16.25
CA PHE A 1 -2.02 -21.16 15.75
C PHE A 1 -1.82 -20.17 16.90
N ALA A 2 -0.61 -19.63 16.99
CA ALA A 2 -0.29 -18.62 17.99
C ALA A 2 0.77 -17.67 17.47
N CYS A 3 0.93 -16.55 18.14
CA CYS A 3 1.87 -15.53 17.69
CA CYS A 3 1.84 -15.52 17.69
C CYS A 3 2.66 -15.05 18.86
N LYS A 4 3.82 -14.50 18.55
CA LYS A 4 4.69 -13.94 19.55
C LYS A 4 5.42 -12.77 18.91
N THR A 5 6.02 -11.94 19.73
CA THR A 5 6.80 -10.84 19.22
C THR A 5 8.28 -11.06 19.52
N ALA A 6 9.14 -10.50 18.70
CA ALA A 6 10.57 -10.54 18.96
C ALA A 6 10.89 -9.56 20.07
N ASN A 7 11.53 -10.01 21.15
CA ASN A 7 11.79 -9.28 22.44
C ASN A 7 11.43 -10.05 23.72
N GLY A 8 10.23 -10.61 23.89
CA GLY A 8 8.97 -10.28 23.24
C GLY A 8 7.84 -10.75 24.15
N THR A 9 6.60 -10.69 23.69
CA THR A 9 5.52 -11.31 24.44
C THR A 9 4.80 -12.31 23.53
N ALA A 10 3.69 -12.89 23.96
CA ALA A 10 3.02 -13.88 23.12
C ALA A 10 1.50 -13.73 23.19
N ILE A 11 0.84 -14.08 22.09
CA ILE A 11 -0.61 -14.25 22.15
C ILE A 11 -0.89 -15.71 21.86
N PRO A 12 -1.55 -16.39 22.80
CA PRO A 12 -1.71 -17.84 22.68
C PRO A 12 -2.88 -18.21 21.78
N ILE A 13 -3.03 -19.51 21.59
CA ILE A 13 -4.13 -20.12 20.84
C ILE A 13 -5.43 -19.52 21.31
N GLY A 14 -6.31 -19.15 20.36
CA GLY A 14 -7.60 -18.59 20.72
C GLY A 14 -7.57 -17.08 20.63
N GLY A 15 -6.39 -16.53 20.41
CA GLY A 15 -6.27 -15.10 20.19
C GLY A 15 -6.22 -14.30 21.48
N GLY A 16 -6.24 -12.98 21.34
CA GLY A 16 -6.01 -12.10 22.48
C GLY A 16 -5.36 -10.80 22.01
N SER A 17 -4.58 -10.16 22.89
CA SER A 17 -4.01 -8.81 22.66
C SER A 17 -2.56 -8.74 23.10
N ALA A 18 -1.78 -7.90 22.43
CA ALA A 18 -0.42 -7.66 22.88
C ALA A 18 -0.05 -6.25 22.46
N ASN A 19 0.90 -5.67 23.19
CA ASN A 19 1.42 -4.34 22.94
C ASN A 19 2.79 -4.44 22.27
N VAL A 20 3.01 -3.67 21.20
CA VAL A 20 4.25 -3.66 20.43
C VAL A 20 4.85 -2.26 20.32
N TYR A 21 6.14 -2.13 20.64
CA TYR A 21 6.89 -0.87 20.58
C TYR A 21 7.76 -0.86 19.36
N VAL A 22 7.69 0.25 18.62
CA VAL A 22 8.43 0.35 17.38
C VAL A 22 9.34 1.56 17.40
N ASN A 23 10.54 1.38 16.84
CA ASN A 23 11.47 2.48 16.59
C ASN A 23 11.09 3.21 15.34
N LEU A 24 11.08 4.54 15.45
CA LEU A 24 10.64 5.38 14.36
C LEU A 24 11.78 6.38 14.02
N ALA A 25 11.96 6.69 12.73
CA ALA A 25 12.85 7.78 12.32
C ALA A 25 12.50 9.03 13.11
N PRO A 26 13.48 9.65 13.80
CA PRO A 26 13.20 10.79 14.68
C PRO A 26 12.84 12.03 13.87
N VAL A 27 13.25 12.05 12.60
CA VAL A 27 12.98 13.22 11.80
C VAL A 27 12.42 12.76 10.43
N VAL A 28 11.24 13.22 10.04
CA VAL A 28 10.66 12.91 8.73
C VAL A 28 10.02 14.18 8.12
N ASN A 29 10.45 14.54 6.92
CA ASN A 29 9.87 15.69 6.23
C ASN A 29 8.60 15.36 5.44
N VAL A 30 7.77 16.37 5.17
CA VAL A 30 6.68 16.23 4.19
C VAL A 30 7.21 15.64 2.88
N GLY A 31 6.49 14.65 2.36
CA GLY A 31 6.94 13.94 1.16
C GLY A 31 7.83 12.74 1.43
N GLN A 32 8.18 12.53 2.69
CA GLN A 32 8.97 11.36 3.07
C GLN A 32 8.10 10.32 3.77
N ASN A 33 8.60 9.09 3.87
CA ASN A 33 7.89 8.02 4.55
C ASN A 33 8.54 7.66 5.87
N LEU A 34 7.71 7.41 6.88
CA LEU A 34 8.09 6.58 8.01
C LEU A 34 7.69 5.18 7.59
N VAL A 35 8.62 4.24 7.67
CA VAL A 35 8.30 2.85 7.40
C VAL A 35 8.31 2.12 8.72
N VAL A 36 7.18 1.51 9.07
CA VAL A 36 7.10 0.72 10.29
C VAL A 36 6.87 -0.70 9.86
N ASP A 37 7.92 -1.50 9.81
CA ASP A 37 7.83 -2.88 9.31
C ASP A 37 7.65 -3.83 10.50
N LEU A 38 6.44 -4.39 10.66
CA LEU A 38 6.15 -5.30 11.78
C LEU A 38 6.60 -6.74 11.52
N SER A 39 6.99 -7.02 10.28
CA SER A 39 7.41 -8.34 9.86
C SER A 39 8.71 -8.78 10.51
N THR A 40 9.45 -7.83 11.07
CA THR A 40 10.61 -8.18 11.89
C THR A 40 10.21 -8.33 13.36
N GLN A 41 8.94 -8.08 13.71
CA GLN A 41 8.52 -8.06 15.13
C GLN A 41 7.47 -9.14 15.46
N ILE A 42 6.58 -9.42 14.53
CA ILE A 42 5.48 -10.30 14.83
C ILE A 42 5.63 -11.57 14.05
N PHE A 43 5.60 -12.70 14.76
CA PHE A 43 5.82 -13.99 14.14
C PHE A 43 4.70 -14.94 14.55
N CYS A 44 4.23 -15.74 13.58
CA CYS A 44 3.18 -16.70 13.86
CA CYS A 44 3.16 -16.70 13.83
C CYS A 44 3.55 -18.07 13.31
N HIS A 45 2.87 -19.09 13.83
CA HIS A 45 3.11 -20.46 13.38
C HIS A 45 1.84 -21.27 13.44
N ASN A 46 1.81 -22.34 12.65
CA ASN A 46 0.71 -23.31 12.62
C ASN A 46 1.08 -24.47 13.54
N ASP A 47 0.22 -24.84 14.49
CA ASP A 47 0.53 -25.91 15.43
C ASP A 47 0.34 -27.33 14.88
N TYR A 48 -0.40 -27.47 13.79
CA TYR A 48 -0.67 -28.80 13.20
C TYR A 48 -0.70 -28.80 11.67
N PRO A 49 0.44 -28.49 11.03
CA PRO A 49 0.44 -28.30 9.57
C PRO A 49 0.10 -29.54 8.74
N GLU A 50 0.30 -30.73 9.28
CA GLU A 50 -0.04 -31.94 8.56
C GLU A 50 -1.54 -32.16 8.35
N THR A 51 -2.36 -31.60 9.23
CA THR A 51 -3.80 -31.81 9.10
C THR A 51 -4.59 -30.53 8.94
N ILE A 52 -3.97 -29.39 9.24
CA ILE A 52 -4.69 -28.13 9.26
C ILE A 52 -3.96 -27.06 8.50
N THR A 53 -4.71 -26.28 7.71
CA THR A 53 -4.16 -25.07 7.09
C THR A 53 -4.74 -23.85 7.79
N ASP A 54 -3.86 -22.97 8.26
CA ASP A 54 -4.28 -21.73 8.89
C ASP A 54 -4.34 -20.57 7.88
N TYR A 55 -5.42 -19.77 7.93
CA TYR A 55 -5.58 -18.59 7.08
CA TYR A 55 -5.58 -18.60 7.08
C TYR A 55 -5.53 -17.33 7.91
N VAL A 56 -4.66 -16.40 7.52
CA VAL A 56 -4.40 -15.20 8.30
C VAL A 56 -4.62 -13.94 7.43
N THR A 57 -5.53 -13.07 7.85
CA THR A 57 -5.73 -11.80 7.16
C THR A 57 -5.35 -10.63 8.05
N LEU A 58 -5.12 -9.47 7.44
CA LEU A 58 -5.16 -8.22 8.20
C LEU A 58 -6.59 -7.72 8.17
N GLN A 59 -7.30 -7.94 9.27
CA GLN A 59 -8.72 -7.65 9.33
C GLN A 59 -8.97 -6.16 9.31
N ARG A 60 -8.12 -5.42 9.99
CA ARG A 60 -8.28 -3.98 10.13
C ARG A 60 -7.01 -3.35 10.63
N GLY A 61 -6.69 -2.18 10.09
CA GLY A 61 -5.61 -1.33 10.58
C GLY A 61 -6.23 0.01 10.91
N SER A 62 -5.98 0.49 12.12
CA SER A 62 -6.53 1.76 12.59
C SER A 62 -5.39 2.62 13.09
N ALA A 63 -5.55 3.94 12.94
CA ALA A 63 -4.53 4.92 13.31
C ALA A 63 -4.96 5.66 14.58
N TYR A 64 -3.99 6.06 15.38
CA TYR A 64 -4.25 6.72 16.66
C TYR A 64 -3.30 7.86 16.94
N GLY A 65 -3.65 8.72 17.89
CA GLY A 65 -2.78 9.81 18.29
C GLY A 65 -2.16 10.62 17.17
N GLY A 66 -0.83 10.76 17.23
CA GLY A 66 -0.13 11.58 16.26
C GLY A 66 -0.17 11.06 14.85
N VAL A 67 -0.33 9.76 14.70
CA VAL A 67 -0.40 9.19 13.36
C VAL A 67 -1.73 9.53 12.71
N LEU A 68 -2.79 9.38 13.49
CA LEU A 68 -4.15 9.72 13.10
C LEU A 68 -4.28 11.18 12.74
N SER A 69 -3.68 12.05 13.53
CA SER A 69 -3.83 13.49 13.29
C SER A 69 -2.86 14.10 12.26
N ASN A 70 -1.63 13.58 12.22
CA ASN A 70 -0.53 14.23 11.48
C ASN A 70 0.05 13.43 10.30
N PHE A 71 -0.51 12.26 10.04
CA PHE A 71 0.01 11.41 8.96
C PHE A 71 -1.10 10.87 8.10
N SER A 72 -0.75 10.57 6.87
CA SER A 72 -1.61 9.79 6.03
C SER A 72 -0.75 8.61 5.67
N GLY A 73 -1.35 7.51 5.22
CA GLY A 73 -0.53 6.37 4.92
C GLY A 73 -1.17 5.19 4.23
N THR A 74 -0.31 4.20 4.00
CA THR A 74 -0.72 2.96 3.39
C THR A 74 -0.19 1.84 4.24
N VAL A 75 -0.79 0.67 4.08
CA VAL A 75 -0.31 -0.58 4.65
C VAL A 75 0.01 -1.58 3.58
N LYS A 76 1.19 -2.17 3.66
CA LYS A 76 1.57 -3.25 2.77
C LYS A 76 1.35 -4.57 3.47
N TYR A 77 0.51 -5.41 2.90
CA TYR A 77 0.27 -6.73 3.44
C TYR A 77 0.55 -7.82 2.43
N SER A 78 1.62 -8.60 2.68
CA SER A 78 2.03 -9.71 1.83
C SER A 78 2.11 -9.29 0.37
N GLY A 79 2.86 -8.25 0.08
CA GLY A 79 3.07 -7.84 -1.30
C GLY A 79 2.04 -6.89 -1.92
N SER A 80 0.89 -6.70 -1.27
CA SER A 80 -0.14 -5.81 -1.77
C SER A 80 -0.31 -4.60 -0.85
N SER A 81 -0.61 -3.44 -1.43
CA SER A 81 -0.75 -2.18 -0.69
C SER A 81 -2.21 -1.74 -0.54
N TYR A 82 -2.52 -1.12 0.59
CA TYR A 82 -3.88 -0.73 0.93
C TYR A 82 -3.83 0.60 1.65
N PRO A 83 -4.93 1.35 1.59
CA PRO A 83 -5.02 2.60 2.36
C PRO A 83 -4.86 2.31 3.85
N PHE A 84 -4.22 3.17 4.62
CA PHE A 84 -4.17 3.01 6.06
C PHE A 84 -4.59 4.31 6.68
N PRO A 85 -5.64 4.30 7.54
CA PRO A 85 -6.52 3.22 8.02
C PRO A 85 -7.21 2.44 6.90
N THR A 86 -7.42 1.14 7.11
CA THR A 86 -7.92 0.21 6.09
C THR A 86 -9.41 0.43 5.82
N THR A 87 -9.90 -0.03 4.69
CA THR A 87 -11.31 0.13 4.31
C THR A 87 -11.99 -1.23 4.21
N SER A 88 -11.20 -2.31 4.22
CA SER A 88 -11.73 -3.68 4.21
C SER A 88 -10.67 -4.67 4.70
N GLU A 89 -11.11 -5.86 5.09
CA GLU A 89 -10.25 -7.00 5.40
C GLU A 89 -9.47 -7.45 4.15
N THR A 90 -8.19 -7.80 4.33
N THR A 90 -8.19 -7.81 4.32
CA THR A 90 -7.34 -8.22 3.21
CA THR A 90 -7.34 -8.22 3.20
C THR A 90 -7.60 -9.65 2.71
C THR A 90 -7.62 -9.64 2.69
N PRO A 91 -6.99 -10.00 1.56
CA PRO A 91 -6.92 -11.43 1.25
C PRO A 91 -6.07 -12.15 2.33
N ARG A 92 -6.19 -13.46 2.38
CA ARG A 92 -5.54 -14.31 3.37
C ARG A 92 -4.14 -14.73 2.97
N VAL A 93 -3.32 -14.93 3.99
CA VAL A 93 -2.01 -15.51 3.86
C VAL A 93 -2.08 -16.86 4.54
N VAL A 94 -1.48 -17.87 3.91
CA VAL A 94 -1.49 -19.23 4.42
C VAL A 94 -0.33 -19.47 5.39
N TYR A 95 -0.64 -20.04 6.57
CA TYR A 95 0.41 -20.53 7.46
C TYR A 95 0.31 -22.06 7.48
N ASN A 96 1.41 -22.70 7.09
CA ASN A 96 1.36 -24.15 6.90
C ASN A 96 2.64 -24.80 7.42
N SER A 97 3.23 -24.22 8.46
CA SER A 97 4.46 -24.75 9.04
C SER A 97 4.51 -24.45 10.54
N ARG A 98 5.27 -25.26 11.28
CA ARG A 98 5.45 -25.08 12.72
C ARG A 98 6.52 -24.05 13.01
N THR A 99 7.30 -23.73 11.97
CA THR A 99 8.35 -22.74 12.04
C THR A 99 7.75 -21.36 12.00
N ASP A 100 8.13 -20.53 12.97
CA ASP A 100 7.74 -19.12 13.01
C ASP A 100 8.01 -18.44 11.68
N LYS A 101 6.94 -17.89 11.13
CA LYS A 101 7.01 -17.14 9.90
C LYS A 101 6.51 -15.72 10.23
N PRO A 102 7.17 -14.69 9.68
CA PRO A 102 6.74 -13.30 9.93
C PRO A 102 5.28 -13.01 9.52
N TRP A 103 4.64 -12.11 10.25
CA TRP A 103 3.40 -11.56 9.75
C TRP A 103 3.78 -10.38 8.86
N PRO A 104 3.49 -10.50 7.55
CA PRO A 104 4.04 -9.58 6.54
C PRO A 104 3.29 -8.24 6.42
N VAL A 105 3.31 -7.44 7.49
CA VAL A 105 2.63 -6.16 7.54
C VAL A 105 3.66 -5.05 7.71
N ALA A 106 3.49 -3.95 6.98
CA ALA A 106 4.38 -2.78 7.08
C ALA A 106 3.55 -1.51 6.83
N LEU A 107 3.73 -0.51 7.68
CA LEU A 107 3.03 0.77 7.52
C LEU A 107 3.94 1.79 6.85
N TYR A 108 3.41 2.50 5.85
CA TYR A 108 4.11 3.61 5.16
C TYR A 108 3.40 4.91 5.48
N LEU A 109 3.99 5.74 6.35
CA LEU A 109 3.30 6.93 6.86
C LEU A 109 4.02 8.20 6.37
N THR A 110 3.25 9.18 5.92
CA THR A 110 3.83 10.41 5.44
C THR A 110 3.12 11.59 6.11
N PRO A 111 3.89 12.59 6.57
CA PRO A 111 3.30 13.74 7.28
C PRO A 111 2.34 14.51 6.41
N VAL A 112 1.18 14.88 6.94
CA VAL A 112 0.27 15.85 6.31
C VAL A 112 0.90 17.23 6.44
N SER A 113 0.47 18.16 5.61
CA SER A 113 1.09 19.49 5.57
C SER A 113 0.96 20.25 6.91
N SER A 114 0.01 19.85 7.76
CA SER A 114 -0.20 20.54 9.03
C SER A 114 0.69 19.97 10.14
N ALA A 115 1.40 18.89 9.85
CA ALA A 115 2.29 18.35 10.86
C ALA A 115 3.52 19.27 10.98
N GLY A 116 3.94 19.55 12.20
CA GLY A 116 5.13 20.36 12.45
C GLY A 116 5.41 20.20 13.94
N GLY A 117 6.68 20.19 14.32
CA GLY A 117 7.02 19.95 15.71
C GLY A 117 6.95 18.46 16.01
N VAL A 118 6.70 18.10 17.27
CA VAL A 118 6.58 16.71 17.68
C VAL A 118 5.25 16.17 17.15
N ALA A 119 5.31 15.39 16.07
CA ALA A 119 4.12 14.87 15.43
C ALA A 119 3.68 13.56 16.06
N ILE A 120 4.63 12.83 16.61
CA ILE A 120 4.36 11.59 17.34
C ILE A 120 5.14 11.59 18.65
N LYS A 121 4.45 11.42 19.75
CA LYS A 121 5.07 11.38 21.06
C LYS A 121 5.53 9.98 21.47
N ALA A 122 6.70 9.93 22.11
CA ALA A 122 7.27 8.73 22.66
C ALA A 122 6.30 8.05 23.63
N GLY A 123 6.19 6.72 23.52
CA GLY A 123 5.34 5.97 24.43
C GLY A 123 3.87 5.98 24.04
N SER A 124 3.48 6.83 23.08
CA SER A 124 2.06 6.97 22.68
C SER A 124 1.62 5.87 21.72
N LEU A 125 0.34 5.50 21.78
CA LEU A 125 -0.29 4.59 20.81
C LEU A 125 -0.42 5.23 19.43
N ILE A 126 0.03 4.52 18.41
CA ILE A 126 -0.04 5.06 17.05
C ILE A 126 -0.90 4.27 16.08
N ALA A 127 -1.15 2.99 16.37
CA ALA A 127 -1.89 2.16 15.44
C ALA A 127 -2.36 0.90 16.14
N VAL A 128 -3.47 0.33 15.67
CA VAL A 128 -3.90 -1.01 16.08
C VAL A 128 -4.04 -1.84 14.81
N LEU A 129 -3.44 -3.02 14.82
CA LEU A 129 -3.48 -3.91 13.67
C LEU A 129 -4.10 -5.21 14.15
N ILE A 130 -5.20 -5.62 13.52
CA ILE A 130 -5.94 -6.80 13.93
C ILE A 130 -5.67 -7.93 12.97
N LEU A 131 -5.06 -9.00 13.49
CA LEU A 131 -4.85 -10.23 12.78
C LEU A 131 -6.03 -11.17 13.02
N ARG A 132 -6.65 -11.63 11.93
CA ARG A 132 -7.75 -12.57 12.03
C ARG A 132 -7.33 -13.90 11.46
N GLN A 133 -7.46 -14.94 12.28
CA GLN A 133 -7.03 -16.29 11.92
C GLN A 133 -8.19 -17.24 11.83
N THR A 134 -8.27 -17.97 10.73
CA THR A 134 -9.24 -19.04 10.56
C THR A 134 -8.50 -20.30 10.09
N ASN A 135 -9.21 -21.39 9.78
CA ASN A 135 -8.53 -22.60 9.28
C ASN A 135 -9.43 -23.38 8.33
N ASN A 136 -8.95 -24.52 7.84
CA ASN A 136 -9.75 -25.38 6.93
C ASN A 136 -10.25 -26.62 7.65
N TYR A 137 -10.44 -26.46 8.97
CA TYR A 137 -10.69 -27.62 9.83
C TYR A 137 -11.90 -27.48 10.73
N ASN A 138 -12.06 -26.32 11.36
CA ASN A 138 -13.22 -26.17 12.23
C ASN A 138 -13.75 -24.75 12.14
N SER A 139 -14.50 -24.32 13.16
CA SER A 139 -15.15 -23.02 13.16
C SER A 139 -14.29 -21.96 13.83
N ASP A 140 -13.06 -22.32 14.20
CA ASP A 140 -12.19 -21.33 14.84
C ASP A 140 -12.09 -20.04 14.02
N ASP A 141 -12.32 -18.92 14.69
CA ASP A 141 -12.26 -17.61 14.08
C ASP A 141 -11.75 -16.64 15.15
N PHE A 142 -10.43 -16.37 15.14
CA PHE A 142 -9.76 -15.68 16.25
C PHE A 142 -9.10 -14.35 15.86
N GLN A 143 -9.16 -13.41 16.80
CA GLN A 143 -8.52 -12.15 16.59
C GLN A 143 -7.29 -12.00 17.47
N PHE A 144 -6.22 -11.53 16.85
CA PHE A 144 -4.96 -11.22 17.52
C PHE A 144 -4.72 -9.72 17.35
N VAL A 145 -4.88 -8.99 18.43
CA VAL A 145 -4.90 -7.54 18.42
C VAL A 145 -3.55 -6.95 18.86
N TRP A 146 -2.90 -6.24 17.94
CA TRP A 146 -1.59 -5.67 18.18
C TRP A 146 -1.69 -4.18 18.35
N ASN A 147 -1.43 -3.75 19.58
CA ASN A 147 -1.42 -2.36 19.84
C ASN A 147 0.00 -1.88 19.61
N ILE A 148 0.16 -0.88 18.75
CA ILE A 148 1.47 -0.44 18.31
C ILE A 148 1.78 0.91 18.97
N TYR A 149 2.90 0.98 19.69
CA TYR A 149 3.35 2.15 20.46
C TYR A 149 4.63 2.68 19.87
N ALA A 150 4.75 4.00 19.81
CA ALA A 150 5.99 4.67 19.43
C ALA A 150 7.03 4.55 20.51
N ASN A 151 8.21 4.10 20.13
CA ASN A 151 9.27 4.10 21.10
C ASN A 151 9.88 5.48 21.35
N ASN A 152 9.81 6.38 20.36
CA ASN A 152 10.48 7.69 20.43
C ASN A 152 9.67 8.78 19.75
N ASP A 153 9.93 10.04 20.12
CA ASP A 153 9.34 11.18 19.42
C ASP A 153 9.69 11.16 17.95
N VAL A 154 8.75 11.62 17.13
CA VAL A 154 9.05 11.85 15.74
C VAL A 154 8.77 13.32 15.44
N VAL A 155 9.76 14.03 14.89
CA VAL A 155 9.60 15.48 14.64
C VAL A 155 9.45 15.73 13.14
N VAL A 156 8.41 16.50 12.79
CA VAL A 156 8.23 16.94 11.42
C VAL A 156 8.72 18.38 11.35
N PRO A 157 9.88 18.59 10.70
CA PRO A 157 10.54 19.90 10.65
C PRO A 157 9.66 21.00 10.05
N THR A 158 9.85 22.20 10.59
CA THR A 158 9.12 23.39 10.20
C THR A 158 10.14 24.38 9.64
N PHE B 1 -17.21 10.53 -5.30
CA PHE B 1 -16.02 10.25 -6.11
C PHE B 1 -15.62 8.78 -6.05
N ALA B 2 -15.54 8.15 -7.21
CA ALA B 2 -15.11 6.76 -7.30
C ALA B 2 -14.37 6.52 -8.61
N CYS B 3 -13.68 5.40 -8.65
CA CYS B 3 -12.86 5.06 -9.81
CA CYS B 3 -12.84 5.07 -9.79
C CYS B 3 -13.17 3.66 -10.24
N LYS B 4 -12.75 3.36 -11.46
CA LYS B 4 -12.93 2.04 -12.04
C LYS B 4 -11.76 1.72 -12.98
N THR B 5 -11.59 0.46 -13.33
CA THR B 5 -10.57 -0.04 -14.27
C THR B 5 -11.27 -0.55 -15.53
N ALA B 6 -10.53 -0.59 -16.64
CA ALA B 6 -11.03 -1.11 -17.92
C ALA B 6 -11.21 -2.63 -17.97
N ASN B 7 -12.43 -3.02 -18.35
CA ASN B 7 -12.89 -4.41 -18.29
C ASN B 7 -12.67 -5.03 -16.90
N GLY B 8 -13.22 -4.39 -15.87
CA GLY B 8 -12.48 -4.54 -14.65
C GLY B 8 -13.18 -4.42 -13.33
N THR B 9 -12.59 -3.65 -12.44
CA THR B 9 -13.21 -3.39 -11.18
C THR B 9 -13.47 -1.93 -10.83
N ALA B 10 -13.84 -1.69 -9.58
CA ALA B 10 -14.12 -0.34 -9.16
C ALA B 10 -13.54 -0.20 -7.75
N ILE B 11 -13.12 1.01 -7.40
CA ILE B 11 -12.85 1.30 -6.01
C ILE B 11 -13.91 2.35 -5.75
N PRO B 12 -14.78 2.11 -4.78
CA PRO B 12 -15.99 2.90 -4.48
C PRO B 12 -15.70 4.15 -3.65
N ILE B 13 -16.72 4.96 -3.39
CA ILE B 13 -16.60 6.15 -2.54
C ILE B 13 -15.90 5.79 -1.25
N GLY B 14 -14.93 6.63 -0.85
CA GLY B 14 -14.21 6.35 0.39
C GLY B 14 -12.88 5.68 0.13
N GLY B 15 -12.62 5.32 -1.12
CA GLY B 15 -11.30 4.77 -1.42
C GLY B 15 -11.19 3.30 -1.12
N GLY B 16 -9.98 2.79 -1.24
CA GLY B 16 -9.74 1.37 -1.16
C GLY B 16 -8.52 0.99 -1.99
N SER B 17 -8.51 -0.24 -2.48
CA SER B 17 -7.36 -0.81 -3.14
C SER B 17 -7.84 -1.58 -4.37
N ALA B 18 -7.04 -1.67 -5.44
CA ALA B 18 -7.46 -2.52 -6.57
C ALA B 18 -6.22 -3.01 -7.28
N ASN B 19 -6.35 -4.12 -8.01
CA ASN B 19 -5.24 -4.66 -8.78
C ASN B 19 -5.49 -4.29 -10.22
N VAL B 20 -4.45 -3.85 -10.93
CA VAL B 20 -4.60 -3.46 -12.34
C VAL B 20 -3.63 -4.36 -13.12
N TYR B 21 -4.13 -5.05 -14.15
CA TYR B 21 -3.26 -5.94 -14.89
C TYR B 21 -2.93 -5.25 -16.21
N VAL B 22 -1.65 -5.13 -16.59
CA VAL B 22 -1.36 -4.39 -17.81
C VAL B 22 -0.58 -5.24 -18.79
N ASN B 23 -0.94 -5.12 -20.06
CA ASN B 23 -0.17 -5.74 -21.15
C ASN B 23 1.01 -4.84 -21.46
N LEU B 24 2.19 -5.41 -21.56
CA LEU B 24 3.42 -4.63 -21.73
C LEU B 24 4.10 -5.08 -23.00
N ALA B 25 4.76 -4.15 -23.68
CA ALA B 25 5.61 -4.53 -24.81
C ALA B 25 6.52 -5.66 -24.35
N PRO B 26 6.54 -6.78 -25.09
CA PRO B 26 7.27 -8.01 -24.75
C PRO B 26 8.77 -7.83 -24.88
N VAL B 27 9.18 -6.85 -25.66
CA VAL B 27 10.59 -6.58 -25.90
C VAL B 27 10.95 -5.11 -25.83
N VAL B 28 11.94 -4.80 -24.99
CA VAL B 28 12.44 -3.44 -24.88
C VAL B 28 13.97 -3.50 -24.84
N ASN B 29 14.62 -2.82 -25.79
CA ASN B 29 16.07 -2.76 -25.82
C ASN B 29 16.60 -1.67 -24.93
N VAL B 30 17.85 -1.83 -24.51
CA VAL B 30 18.58 -0.74 -23.87
C VAL B 30 18.44 0.45 -24.82
N GLY B 31 18.10 1.62 -24.28
CA GLY B 31 17.86 2.81 -25.10
C GLY B 31 16.44 2.99 -25.61
N GLN B 32 15.56 2.02 -25.36
CA GLN B 32 14.14 2.15 -25.71
C GLN B 32 13.30 2.39 -24.47
N ASN B 33 12.07 2.83 -24.68
CA ASN B 33 11.19 3.05 -23.55
C ASN B 33 10.07 2.03 -23.48
N LEU B 34 9.80 1.56 -22.27
CA LEU B 34 8.50 1.00 -21.94
C LEU B 34 7.58 2.12 -21.41
N VAL B 35 6.39 2.24 -22.03
CA VAL B 35 5.35 3.17 -21.57
C VAL B 35 4.23 2.38 -20.93
N VAL B 36 3.93 2.68 -19.67
CA VAL B 36 2.83 2.02 -19.00
C VAL B 36 1.81 3.10 -18.78
N ASP B 37 0.82 3.17 -19.66
CA ASP B 37 -0.17 4.24 -19.64
C ASP B 37 -1.37 3.77 -18.87
N LEU B 38 -1.53 4.32 -17.66
CA LEU B 38 -2.64 3.93 -16.82
C LEU B 38 -3.92 4.71 -17.21
N SER B 39 -3.75 5.74 -18.04
CA SER B 39 -4.88 6.56 -18.46
C SER B 39 -5.85 5.78 -19.36
N THR B 40 -5.41 4.66 -19.91
CA THR B 40 -6.34 3.78 -20.61
C THR B 40 -6.88 2.75 -19.67
N GLN B 41 -6.44 2.76 -18.42
CA GLN B 41 -6.79 1.69 -17.52
C GLN B 41 -7.64 2.19 -16.35
N ILE B 42 -7.33 3.39 -15.88
CA ILE B 42 -7.98 3.91 -14.70
C ILE B 42 -8.85 5.13 -15.02
N PHE B 43 -10.12 5.07 -14.60
CA PHE B 43 -11.05 6.16 -14.93
C PHE B 43 -11.74 6.57 -13.65
N CYS B 44 -11.93 7.88 -13.48
CA CYS B 44 -12.56 8.41 -12.28
CA CYS B 44 -12.52 8.44 -12.27
C CYS B 44 -13.66 9.39 -12.62
N HIS B 45 -14.56 9.61 -11.67
CA HIS B 45 -15.65 10.54 -11.90
C HIS B 45 -16.04 11.24 -10.58
N ASN B 46 -16.67 12.42 -10.70
CA ASN B 46 -17.19 13.20 -9.59
C ASN B 46 -18.68 12.86 -9.44
N ASP B 47 -19.10 12.49 -8.24
CA ASP B 47 -20.50 12.09 -8.05
C ASP B 47 -21.51 13.20 -7.90
N TYR B 48 -21.01 14.38 -7.57
CA TYR B 48 -21.89 15.53 -7.39
C TYR B 48 -21.26 16.83 -7.88
N PRO B 49 -20.95 16.91 -9.19
CA PRO B 49 -20.18 18.01 -9.80
C PRO B 49 -20.90 19.36 -9.74
N GLU B 50 -22.21 19.35 -9.61
CA GLU B 50 -22.95 20.61 -9.53
C GLU B 50 -22.67 21.42 -8.25
N THR B 51 -22.28 20.73 -7.17
CA THR B 51 -22.01 21.41 -5.89
C THR B 51 -20.56 21.21 -5.40
N ILE B 52 -19.87 20.24 -5.97
CA ILE B 52 -18.55 19.84 -5.45
C ILE B 52 -17.46 19.74 -6.54
N THR B 53 -16.28 20.22 -6.19
CA THR B 53 -15.09 20.00 -6.99
C THR B 53 -14.17 18.99 -6.30
N ASP B 54 -13.83 17.91 -7.01
CA ASP B 54 -12.91 16.89 -6.51
C ASP B 54 -11.48 17.16 -6.95
N TYR B 55 -10.54 17.03 -6.03
CA TYR B 55 -9.13 17.25 -6.35
C TYR B 55 -8.36 15.94 -6.27
N VAL B 56 -7.63 15.61 -7.33
CA VAL B 56 -6.96 14.33 -7.39
C VAL B 56 -5.47 14.44 -7.68
N THR B 57 -4.64 13.96 -6.75
CA THR B 57 -3.18 13.90 -6.96
C THR B 57 -2.66 12.47 -7.04
N LEU B 58 -1.48 12.33 -7.61
CA LEU B 58 -0.66 11.14 -7.42
C LEU B 58 0.20 11.41 -6.20
N GLN B 59 -0.21 10.84 -5.07
CA GLN B 59 0.42 11.14 -3.81
C GLN B 59 1.81 10.52 -3.82
N ARG B 60 1.92 9.34 -4.41
CA ARG B 60 3.17 8.59 -4.46
C ARG B 60 3.12 7.49 -5.50
N GLY B 61 4.27 7.31 -6.17
CA GLY B 61 4.50 6.21 -7.08
C GLY B 61 5.72 5.44 -6.61
N SER B 62 5.57 4.12 -6.47
CA SER B 62 6.66 3.26 -6.00
C SER B 62 6.87 2.14 -7.02
N ALA B 63 8.12 1.67 -7.16
CA ALA B 63 8.48 0.66 -8.16
C ALA B 63 8.74 -0.68 -7.47
N TYR B 64 8.45 -1.79 -8.14
CA TYR B 64 8.62 -3.10 -7.52
C TYR B 64 9.18 -4.12 -8.50
N GLY B 65 9.67 -5.26 -7.99
CA GLY B 65 10.20 -6.34 -8.79
C GLY B 65 11.16 -5.88 -9.88
N GLY B 66 10.90 -6.33 -11.10
CA GLY B 66 11.77 -6.02 -12.23
C GLY B 66 11.81 -4.57 -12.64
N VAL B 67 10.77 -3.80 -12.34
CA VAL B 67 10.82 -2.37 -12.68
C VAL B 67 11.78 -1.68 -11.73
N LEU B 68 11.68 -2.03 -10.43
CA LEU B 68 12.58 -1.50 -9.41
C LEU B 68 14.05 -1.87 -9.67
N SER B 69 14.31 -3.13 -10.04
CA SER B 69 15.69 -3.59 -10.24
C SER B 69 16.29 -3.31 -11.63
N ASN B 70 15.48 -3.34 -12.69
CA ASN B 70 16.00 -3.35 -14.06
C ASN B 70 15.64 -2.14 -14.93
N PHE B 71 14.91 -1.17 -14.36
CA PHE B 71 14.50 -0.02 -15.15
C PHE B 71 14.76 1.30 -14.39
N SER B 72 14.93 2.38 -15.13
CA SER B 72 14.93 3.72 -14.53
C SER B 72 13.79 4.45 -15.25
N GLY B 73 13.26 5.51 -14.66
CA GLY B 73 12.14 6.15 -15.31
C GLY B 73 11.58 7.45 -14.77
N THR B 74 10.52 7.92 -15.42
CA THR B 74 9.79 9.11 -15.01
C THR B 74 8.29 8.77 -14.96
N VAL B 75 7.52 9.59 -14.25
CA VAL B 75 6.07 9.48 -14.30
C VAL B 75 5.55 10.77 -14.87
N LYS B 76 4.69 10.64 -15.86
CA LYS B 76 4.01 11.77 -16.43
C LYS B 76 2.61 11.85 -15.82
N TYR B 77 2.33 12.97 -15.16
CA TYR B 77 1.00 13.24 -14.57
C TYR B 77 0.39 14.54 -15.12
N SER B 78 -0.67 14.38 -15.91
CA SER B 78 -1.39 15.48 -16.52
C SER B 78 -0.43 16.42 -17.24
N GLY B 79 0.40 15.87 -18.14
CA GLY B 79 1.30 16.68 -18.95
C GLY B 79 2.67 17.05 -18.40
N SER B 80 2.90 16.86 -17.11
CA SER B 80 4.20 17.18 -16.51
C SER B 80 4.93 15.90 -16.07
N SER B 81 6.27 15.90 -16.17
CA SER B 81 7.08 14.74 -15.86
C SER B 81 7.72 14.88 -14.50
N TYR B 82 7.86 13.74 -13.82
CA TYR B 82 8.39 13.74 -12.48
C TYR B 82 9.21 12.48 -12.38
N PRO B 83 10.19 12.48 -11.47
CA PRO B 83 10.96 11.25 -11.23
C PRO B 83 10.05 10.13 -10.74
N PHE B 84 10.36 8.91 -11.18
CA PHE B 84 9.70 7.69 -10.72
C PHE B 84 10.76 6.67 -10.31
N PRO B 85 10.72 6.15 -9.06
CA PRO B 85 9.81 6.41 -7.94
C PRO B 85 9.72 7.88 -7.53
N THR B 86 8.52 8.29 -7.09
CA THR B 86 8.25 9.70 -6.85
C THR B 86 8.91 10.20 -5.58
N THR B 87 9.11 11.52 -5.50
CA THR B 87 9.75 12.13 -4.33
C THR B 87 8.80 13.08 -3.63
N SER B 88 7.69 13.38 -4.29
CA SER B 88 6.68 14.22 -3.68
C SER B 88 5.33 14.07 -4.36
N GLU B 89 4.28 14.48 -3.66
CA GLU B 89 2.96 14.54 -4.25
C GLU B 89 2.88 15.54 -5.40
N THR B 90 2.13 15.17 -6.44
CA THR B 90 1.98 15.96 -7.63
C THR B 90 1.01 17.14 -7.40
N PRO B 91 0.93 18.07 -8.38
CA PRO B 91 -0.17 19.04 -8.41
C PRO B 91 -1.49 18.32 -8.61
N ARG B 92 -2.59 19.03 -8.33
CA ARG B 92 -3.92 18.46 -8.39
C ARG B 92 -4.52 18.51 -9.77
N VAL B 93 -5.35 17.51 -10.06
CA VAL B 93 -6.17 17.49 -11.25
C VAL B 93 -7.60 17.59 -10.76
N VAL B 94 -8.40 18.41 -11.43
CA VAL B 94 -9.79 18.62 -11.07
C VAL B 94 -10.67 17.59 -11.76
N TYR B 95 -11.56 16.95 -11.00
CA TYR B 95 -12.63 16.12 -11.59
C TYR B 95 -13.96 16.83 -11.34
N ASN B 96 -14.69 17.13 -12.41
CA ASN B 96 -15.89 17.96 -12.32
C ASN B 96 -17.01 17.43 -13.21
N SER B 97 -17.09 16.12 -13.42
CA SER B 97 -18.11 15.53 -14.28
C SER B 97 -18.48 14.16 -13.77
N ARG B 98 -19.69 13.69 -14.08
CA ARG B 98 -20.13 12.36 -13.66
C ARG B 98 -19.66 11.29 -14.59
N THR B 99 -19.19 11.76 -15.75
CA THR B 99 -18.64 10.92 -16.77
C THR B 99 -17.20 10.51 -16.43
N ASP B 100 -16.93 9.20 -16.47
CA ASP B 100 -15.59 8.67 -16.30
C ASP B 100 -14.55 9.35 -17.16
N LYS B 101 -13.53 9.90 -16.51
CA LYS B 101 -12.39 10.56 -17.13
C LYS B 101 -11.10 9.79 -16.75
N PRO B 102 -10.16 9.63 -17.70
CA PRO B 102 -8.91 8.93 -17.39
C PRO B 102 -8.17 9.55 -16.20
N TRP B 103 -7.47 8.73 -15.42
CA TRP B 103 -6.47 9.24 -14.48
C TRP B 103 -5.24 9.37 -15.33
N PRO B 104 -4.76 10.61 -15.51
CA PRO B 104 -3.73 10.87 -16.54
C PRO B 104 -2.31 10.52 -16.08
N VAL B 105 -2.05 9.24 -15.79
CA VAL B 105 -0.73 8.80 -15.31
C VAL B 105 -0.13 7.82 -16.32
N ALA B 106 1.16 7.99 -16.59
CA ALA B 106 1.88 7.11 -17.50
C ALA B 106 3.30 6.96 -17.04
N LEU B 107 3.79 5.72 -17.01
CA LEU B 107 5.18 5.50 -16.60
C LEU B 107 6.05 5.39 -17.85
N TYR B 108 7.16 6.11 -17.85
CA TYR B 108 8.13 6.03 -18.95
C TYR B 108 9.38 5.40 -18.42
N LEU B 109 9.54 4.12 -18.77
CA LEU B 109 10.58 3.29 -18.22
C LEU B 109 11.59 2.83 -19.25
N THR B 110 12.86 2.91 -18.89
CA THR B 110 13.92 2.50 -19.79
C THR B 110 14.86 1.55 -19.04
N PRO B 111 15.31 0.48 -19.70
CA PRO B 111 16.17 -0.55 -19.08
C PRO B 111 17.48 0.05 -18.61
N VAL B 112 17.94 -0.39 -17.43
CA VAL B 112 19.28 0.01 -17.05
C VAL B 112 20.24 -0.72 -17.99
N SER B 113 21.42 -0.20 -18.13
CA SER B 113 22.37 -0.69 -19.11
C SER B 113 22.85 -2.14 -18.95
N SER B 114 22.75 -2.65 -17.73
CA SER B 114 23.19 -4.01 -17.39
C SER B 114 22.08 -5.04 -17.52
N ALA B 115 20.86 -4.58 -17.79
CA ALA B 115 19.69 -5.45 -17.95
C ALA B 115 19.70 -6.23 -19.27
N GLY B 116 19.31 -7.50 -19.19
CA GLY B 116 19.22 -8.37 -20.34
C GLY B 116 18.45 -9.63 -19.98
N GLY B 117 17.72 -10.20 -20.93
CA GLY B 117 16.89 -11.34 -20.61
C GLY B 117 15.55 -10.96 -20.01
N VAL B 118 14.96 -11.82 -19.18
CA VAL B 118 13.66 -11.49 -18.58
C VAL B 118 13.81 -10.41 -17.53
N ALA B 119 13.42 -9.20 -17.89
CA ALA B 119 13.55 -8.06 -17.02
C ALA B 119 12.32 -7.85 -16.11
N ILE B 120 11.14 -8.27 -16.58
CA ILE B 120 9.89 -8.23 -15.81
C ILE B 120 9.20 -9.58 -15.96
N LYS B 121 8.84 -10.26 -14.86
CA LYS B 121 8.13 -11.54 -14.95
C LYS B 121 6.63 -11.38 -15.03
N ALA B 122 6.01 -12.22 -15.85
CA ALA B 122 4.54 -12.27 -16.00
C ALA B 122 3.90 -12.42 -14.64
N GLY B 123 2.83 -11.67 -14.36
CA GLY B 123 2.12 -11.79 -13.09
C GLY B 123 2.70 -11.03 -11.91
N SER B 124 3.91 -10.51 -12.07
CA SER B 124 4.58 -9.83 -10.96
C SER B 124 4.11 -8.40 -10.76
N LEU B 125 4.17 -7.96 -9.51
CA LEU B 125 3.92 -6.58 -9.17
C LEU B 125 5.04 -5.69 -9.72
N ILE B 126 4.65 -4.61 -10.41
CA ILE B 126 5.66 -3.69 -10.99
C ILE B 126 5.57 -2.29 -10.40
N ALA B 127 4.42 -1.96 -9.83
CA ALA B 127 4.25 -0.61 -9.33
C ALA B 127 3.08 -0.48 -8.40
N VAL B 128 3.19 0.46 -7.46
CA VAL B 128 2.04 0.90 -6.67
C VAL B 128 1.88 2.38 -6.86
N LEU B 129 0.64 2.77 -7.21
CA LEU B 129 0.32 4.17 -7.46
C LEU B 129 -0.82 4.59 -6.58
N ILE B 130 -0.59 5.63 -5.77
CA ILE B 130 -1.59 6.08 -4.83
C ILE B 130 -2.25 7.32 -5.34
N LEU B 131 -3.54 7.18 -5.61
CA LEU B 131 -4.40 8.28 -5.98
C LEU B 131 -5.00 8.83 -4.71
N ARG B 132 -4.82 10.13 -4.51
CA ARG B 132 -5.37 10.81 -3.35
C ARG B 132 -6.44 11.79 -3.76
N GLN B 133 -7.63 11.65 -3.19
CA GLN B 133 -8.76 12.51 -3.54
C GLN B 133 -9.23 13.37 -2.38
N THR B 134 -9.34 14.67 -2.62
CA THR B 134 -9.93 15.57 -1.63
C THR B 134 -11.00 16.37 -2.36
N ASN B 135 -11.61 17.33 -1.66
CA ASN B 135 -12.62 18.19 -2.29
C ASN B 135 -12.67 19.59 -1.68
N ASN B 136 -13.59 20.43 -2.19
CA ASN B 136 -13.78 21.80 -1.67
C ASN B 136 -15.04 21.89 -0.86
N TYR B 137 -15.41 20.81 -0.22
CA TYR B 137 -16.73 20.70 0.39
C TYR B 137 -16.68 20.18 1.83
N ASN B 138 -15.86 19.18 2.11
CA ASN B 138 -15.77 18.64 3.46
C ASN B 138 -14.36 18.19 3.84
N SER B 139 -14.24 17.31 4.83
CA SER B 139 -12.92 16.89 5.31
C SER B 139 -12.43 15.61 4.64
N ASP B 140 -13.18 15.09 3.65
CA ASP B 140 -12.79 13.86 2.96
C ASP B 140 -11.39 13.88 2.40
N ASP B 141 -10.63 12.84 2.69
CA ASP B 141 -9.26 12.69 2.21
C ASP B 141 -9.05 11.18 2.03
N PHE B 142 -9.21 10.71 0.80
CA PHE B 142 -9.28 9.27 0.55
C PHE B 142 -8.15 8.81 -0.36
N GLN B 143 -7.68 7.61 -0.10
CA GLN B 143 -6.65 7.00 -0.91
C GLN B 143 -7.25 5.89 -1.75
N PHE B 144 -6.88 5.88 -3.03
CA PHE B 144 -7.27 4.85 -3.99
C PHE B 144 -5.95 4.25 -4.39
N VAL B 145 -5.70 3.04 -3.90
CA VAL B 145 -4.38 2.44 -4.04
C VAL B 145 -4.36 1.43 -5.18
N TRP B 146 -3.54 1.68 -6.19
CA TRP B 146 -3.48 0.85 -7.38
C TRP B 146 -2.22 -0.03 -7.43
N ASN B 147 -2.44 -1.33 -7.29
CA ASN B 147 -1.37 -2.31 -7.43
C ASN B 147 -1.36 -2.69 -8.90
N ILE B 148 -0.22 -2.47 -9.55
CA ILE B 148 -0.10 -2.62 -11.01
C ILE B 148 0.68 -3.87 -11.33
N TYR B 149 0.08 -4.77 -12.10
CA TYR B 149 0.73 -6.04 -12.39
C TYR B 149 1.01 -6.22 -13.88
N ALA B 150 2.17 -6.78 -14.20
CA ALA B 150 2.52 -7.19 -15.56
C ALA B 150 1.71 -8.43 -15.97
N ASN B 151 1.03 -8.38 -17.12
CA ASN B 151 0.33 -9.55 -17.70
C ASN B 151 1.26 -10.54 -18.37
N ASN B 152 2.42 -10.05 -18.81
CA ASN B 152 3.39 -10.83 -19.58
C ASN B 152 4.83 -10.45 -19.23
N ASP B 153 5.75 -11.38 -19.50
CA ASP B 153 7.19 -11.13 -19.38
C ASP B 153 7.57 -9.97 -20.28
N VAL B 154 8.56 -9.18 -19.88
CA VAL B 154 9.14 -8.19 -20.77
C VAL B 154 10.61 -8.58 -20.84
N VAL B 155 11.10 -8.76 -22.07
CA VAL B 155 12.46 -9.23 -22.29
C VAL B 155 13.34 -8.08 -22.80
N VAL B 156 14.52 -7.90 -22.22
CA VAL B 156 15.44 -6.92 -22.75
C VAL B 156 16.49 -7.67 -23.58
N PRO B 157 16.39 -7.58 -24.93
CA PRO B 157 17.27 -8.33 -25.85
C PRO B 157 18.74 -7.94 -25.65
N THR B 158 19.59 -8.91 -25.83
CA THR B 158 21.02 -8.75 -25.67
C THR B 158 21.69 -9.04 -27.01
O6 FVQ C . -2.54 -23.93 14.02
C6 FVQ C . -3.59 -24.91 13.80
C5 FVQ C . -4.63 -24.93 14.80
O5 FVQ C . -4.00 -24.88 16.17
C4 FVQ C . -5.49 -23.74 14.65
O4 FVQ C . -6.13 -23.79 13.35
C3 FVQ C . -6.49 -23.62 15.67
O3 FVQ C . -7.25 -22.49 15.39
C2 FVQ C . -5.84 -23.54 17.00
O2 FVQ C . -5.02 -22.40 17.07
C1 FVQ C . -4.96 -24.73 17.20
O1 FVQ C . -5.77 -25.81 17.14
C7 FVQ C . -5.50 -26.94 18.04
C8 FVQ C . -5.79 -28.23 17.41
C9 FVQ C . -5.99 -29.29 16.84
C10 FVQ C . -6.27 -30.64 16.22
C15 FVQ C . -5.41 -31.09 15.16
C14 FVQ C . -5.68 -32.33 14.57
C13 FVQ C . -6.78 -33.10 15.01
N12 FVQ C . -7.59 -32.64 16.02
C11 FVQ C . -7.35 -31.42 16.61
NI NI D . 2.76 -23.67 18.97
O6 FVQ E . -17.70 13.32 -6.05
C6 FVQ E . -17.91 14.19 -4.94
C5 FVQ E . -18.02 13.60 -3.61
O5 FVQ E . -18.73 12.29 -3.69
C4 FVQ E . -16.69 13.44 -2.96
O4 FVQ E . -16.00 14.72 -2.85
C3 FVQ E . -16.77 12.80 -1.67
O3 FVQ E . -15.48 12.65 -1.11
C2 FVQ E . -17.47 11.48 -1.77
O2 FVQ E . -16.73 10.54 -2.51
C1 FVQ E . -18.80 11.64 -2.43
O1 FVQ E . -19.48 12.42 -1.59
C7 FVQ E . -20.92 12.26 -1.48
C8 FVQ E . -21.73 13.48 -1.25
C9 FVQ E . -22.36 14.51 -1.14
C10 FVQ E . -23.18 15.81 -1.10
C15 FVQ E . -23.25 16.70 -2.23
C14 FVQ E . -24.01 17.90 -2.12
C13 FVQ E . -24.66 18.16 -0.91
N12 FVQ E . -24.56 17.28 0.15
C11 FVQ E . -23.84 16.14 0.06
S SO4 F . -8.58 26.49 -6.24
O1 SO4 F . -9.43 25.60 -7.04
O2 SO4 F . -9.39 27.65 -5.88
O3 SO4 F . -8.13 25.79 -5.02
O4 SO4 F . -7.41 26.94 -6.98
S SO4 G . -19.44 0.49 -15.54
O1 SO4 G . -18.86 0.81 -16.86
O2 SO4 G . -20.74 -0.15 -15.79
O3 SO4 G . -18.55 -0.43 -14.79
O4 SO4 G . -19.61 1.71 -14.77
S SO4 H . -22.18 15.66 -15.81
O1 SO4 H . -21.69 14.33 -16.15
O2 SO4 H . -22.77 16.25 -17.00
O3 SO4 H . -23.19 15.56 -14.73
O4 SO4 H . -21.05 16.48 -15.35
NI NI I . -20.65 7.50 -9.05
S SO4 J . 0.75 23.85 -1.87
O1 SO4 J . 1.60 23.81 -3.06
O2 SO4 J . 0.26 25.20 -1.69
O3 SO4 J . -0.43 23.00 -2.09
O4 SO4 J . 1.51 23.44 -0.67
#